data_4S0G
#
_entry.id   4S0G
#
_cell.length_a   58.051
_cell.length_b   67.332
_cell.length_c   68.985
_cell.angle_alpha   90.00
_cell.angle_beta   90.00
_cell.angle_gamma   90.00
#
_symmetry.space_group_name_H-M   'P 21 21 21'
#
loop_
_entity.id
_entity.type
_entity.pdbx_description
1 polymer 'Tyrosine-protein phosphatase non-receptor type 3'
2 polymer 'Peptide from Epidermal growth factor receptor substrate 15'
3 water water
#
loop_
_entity_poly.entity_id
_entity_poly.type
_entity_poly.pdbx_seq_one_letter_code
_entity_poly.pdbx_strand_id
1 'polypeptide(L)'
;MHHHHHHSSGVDLGTENLYFQSNADTLEGSMAQLKKGLESGTVLIQFEQLYRKKPGLAITFAKLPQNLDKNRYKDVLPYD
TTRVLLQGNEDYINASYVNMEIPAANLVNKYIATQGPLPHTCAQFWQVVWDQKLSLIVMLTTLTERGRTKCHQYWPDPPD
VMNHGGFHIQCQSEDCTIAYVSREMLVTNTQTGEEHTVTHLQYVAWPAHGVPDDSSDFLEFVNYVRSLRVDSEPVLVHSS
AGIGRTGVLVTMETAMCLTERNLPIYPLDIVRKMRDQRAMMVQTSSQYKFVCEAILRVYEEGLVQM
;
A
2 'polypeptide(L)' FSA(PTR)VSEED B
#
# COMPACT_ATOMS: atom_id res chain seq x y z
N ASP A 25 -13.05 -1.48 25.21
CA ASP A 25 -14.20 -0.60 25.06
C ASP A 25 -15.11 -1.11 23.92
N THR A 26 -15.91 -0.19 23.38
CA THR A 26 -16.85 -0.48 22.31
C THR A 26 -16.49 0.39 21.11
N LEU A 27 -17.05 0.07 19.95
CA LEU A 27 -16.95 0.98 18.81
C LEU A 27 -17.42 2.37 19.22
N GLU A 28 -18.60 2.44 19.86
CA GLU A 28 -19.13 3.74 20.26
C GLU A 28 -18.12 4.49 21.14
N GLY A 29 -17.53 3.81 22.12
CA GLY A 29 -16.61 4.45 23.04
C GLY A 29 -15.31 4.88 22.37
N SER A 30 -14.82 4.04 21.48
CA SER A 30 -13.56 4.32 20.81
C SER A 30 -13.74 5.56 19.96
N MET A 31 -14.95 5.77 19.44
CA MET A 31 -15.18 6.91 18.58
C MET A 31 -15.38 8.19 19.37
N ALA A 32 -15.97 8.08 20.54
CA ALA A 32 -16.08 9.26 21.41
C ALA A 32 -14.66 9.74 21.78
N GLN A 33 -13.82 8.79 22.11
CA GLN A 33 -12.42 9.04 22.46
C GLN A 33 -11.61 9.64 21.31
N LEU A 34 -11.84 9.17 20.09
CA LEU A 34 -11.18 9.74 18.92
C LEU A 34 -11.63 11.17 18.68
N LYS A 35 -12.94 11.40 18.78
CA LYS A 35 -13.49 12.74 18.59
C LYS A 35 -12.88 13.69 19.61
N LYS A 36 -12.90 13.30 20.88
CA LYS A 36 -12.32 14.13 21.94
C LYS A 36 -10.80 14.31 21.75
N GLY A 37 -10.11 13.25 21.37
CA GLY A 37 -8.66 13.29 21.18
C GLY A 37 -8.21 14.16 20.03
N LEU A 38 -9.06 14.31 19.01
CA LEU A 38 -8.78 15.24 17.92
C LEU A 38 -8.98 16.70 18.35
N GLU A 39 -9.99 16.98 19.17
CA GLU A 39 -10.18 18.35 19.69
C GLU A 39 -9.11 18.69 20.75
N SER A 40 -8.74 17.68 21.52
CA SER A 40 -7.78 17.76 22.60
C SER A 40 -6.35 17.91 22.10
N GLY A 41 -6.08 17.36 20.92
CA GLY A 41 -4.77 17.42 20.32
C GLY A 41 -3.90 16.25 20.74
N THR A 42 -4.40 15.43 21.65
CA THR A 42 -3.60 14.34 22.18
C THR A 42 -3.40 13.22 21.15
N VAL A 43 -4.38 13.02 20.26
CA VAL A 43 -4.29 11.96 19.25
C VAL A 43 -3.04 12.21 18.38
N LEU A 44 -2.86 13.43 17.92
CA LEU A 44 -1.67 13.77 17.18
C LEU A 44 -0.42 13.71 18.00
N ILE A 45 -0.48 14.10 19.27
CA ILE A 45 0.75 14.08 20.07
C ILE A 45 1.20 12.64 20.20
N GLN A 46 0.27 11.74 20.45
CA GLN A 46 0.65 10.35 20.58
C GLN A 46 1.16 9.72 19.27
N PHE A 47 0.61 10.18 18.14
CA PHE A 47 1.10 9.71 16.83
C PHE A 47 2.55 10.11 16.65
N GLU A 48 2.87 11.35 17.04
CA GLU A 48 4.23 11.83 16.89
C GLU A 48 5.17 11.13 17.89
N GLN A 49 4.62 10.52 18.94
CA GLN A 49 5.44 9.76 19.89
C GLN A 49 5.79 8.37 19.38
N LEU A 50 4.92 7.83 18.54
CA LEU A 50 5.08 6.45 18.08
C LEU A 50 6.36 6.28 17.30
N TYR A 51 7.02 5.15 17.46
CA TYR A 51 8.21 4.87 16.70
C TYR A 51 7.86 4.78 15.22
N ARG A 52 8.81 5.18 14.37
CA ARG A 52 8.62 5.09 12.94
C ARG A 52 9.07 3.71 12.48
N LYS A 53 10.16 3.22 13.08
CA LYS A 53 10.64 1.87 12.81
C LYS A 53 10.69 1.10 14.13
N LYS A 54 10.35 -0.18 14.07
CA LYS A 54 10.28 -0.98 15.27
C LYS A 54 11.71 -1.23 15.76
N PRO A 55 12.00 -0.83 17.00
CA PRO A 55 13.41 -0.99 17.38
C PRO A 55 13.82 -2.46 17.47
N GLY A 56 15.04 -2.79 17.07
CA GLY A 56 15.53 -4.15 17.16
C GLY A 56 15.26 -5.04 15.97
N LEU A 57 14.40 -4.63 15.05
CA LEU A 57 14.19 -5.44 13.86
C LEU A 57 15.31 -5.22 12.87
N ALA A 58 15.96 -6.31 12.50
CA ALA A 58 17.09 -6.28 11.60
C ALA A 58 16.72 -5.76 10.23
N ILE A 59 17.52 -4.81 9.73
CA ILE A 59 17.45 -4.40 8.32
C ILE A 59 18.85 -4.57 7.81
N THR A 60 19.10 -5.69 7.13
CA THR A 60 20.44 -6.00 6.64
C THR A 60 20.51 -6.21 5.13
N PHE A 61 19.68 -7.08 4.57
CA PHE A 61 19.72 -7.38 3.13
C PHE A 61 19.54 -6.13 2.31
N ALA A 62 18.67 -5.24 2.78
CA ALA A 62 18.37 -4.04 2.02
C ALA A 62 19.59 -3.12 1.86
N LYS A 63 20.59 -3.29 2.72
CA LYS A 63 21.75 -2.40 2.77
C LYS A 63 23.00 -3.03 2.13
N LEU A 64 22.87 -4.22 1.58
CA LEU A 64 24.01 -4.86 0.91
C LEU A 64 24.35 -4.10 -0.37
N PRO A 65 25.63 -4.14 -0.80
CA PRO A 65 26.02 -3.32 -1.95
C PRO A 65 25.19 -3.60 -3.19
N GLN A 66 24.93 -4.86 -3.48
CA GLN A 66 24.19 -5.21 -4.67
C GLN A 66 22.71 -4.85 -4.56
N ASN A 67 22.26 -4.42 -3.37
CA ASN A 67 20.82 -4.11 -3.20
C ASN A 67 20.50 -2.63 -2.97
N LEU A 68 21.51 -1.83 -2.69
CA LEU A 68 21.27 -0.41 -2.39
C LEU A 68 20.53 0.32 -3.51
N ASP A 69 20.87 0.09 -4.77
CA ASP A 69 20.16 0.85 -5.79
C ASP A 69 18.84 0.20 -6.19
N LYS A 70 18.45 -0.82 -5.47
CA LYS A 70 17.11 -1.39 -5.68
C LYS A 70 16.10 -0.74 -4.75
N ASN A 71 16.58 0.19 -3.93
CA ASN A 71 15.71 0.97 -3.07
C ASN A 71 15.51 2.35 -3.67
N ARG A 72 14.26 2.75 -3.88
CA ARG A 72 14.00 4.07 -4.44
C ARG A 72 14.44 5.19 -3.47
N TYR A 73 14.30 4.92 -2.18
CA TYR A 73 14.65 5.90 -1.14
C TYR A 73 15.50 5.21 -0.10
N LYS A 74 16.59 5.90 0.27
CA LYS A 74 17.62 5.41 1.18
C LYS A 74 17.08 5.08 2.58
N ASP A 75 16.01 5.76 2.97
CA ASP A 75 15.49 5.62 4.31
C ASP A 75 14.22 4.77 4.38
N VAL A 76 13.81 4.18 3.26
CA VAL A 76 12.59 3.33 3.25
C VAL A 76 12.98 1.93 2.82
N LEU A 77 13.21 1.07 3.83
CA LEU A 77 13.83 -0.25 3.63
C LEU A 77 13.00 -1.29 4.35
N PRO A 78 12.83 -2.48 3.73
CA PRO A 78 12.12 -3.56 4.43
C PRO A 78 12.93 -4.17 5.59
N TYR A 79 12.22 -4.61 6.62
CA TYR A 79 12.77 -5.47 7.66
C TYR A 79 13.12 -6.81 7.11
N ASP A 80 14.18 -7.42 7.63
CA ASP A 80 14.52 -8.78 7.15
C ASP A 80 13.36 -9.74 7.34
N THR A 81 12.66 -9.68 8.47
CA THR A 81 11.68 -10.71 8.85
C THR A 81 10.42 -10.73 7.97
N THR A 82 10.02 -9.57 7.44
CA THR A 82 8.80 -9.50 6.64
C THR A 82 9.07 -9.17 5.16
N ARG A 83 10.32 -9.15 4.73
CA ARG A 83 10.57 -8.85 3.31
C ARG A 83 10.09 -9.99 2.41
N VAL A 84 9.60 -9.62 1.24
CA VAL A 84 9.09 -10.58 0.29
C VAL A 84 10.25 -11.31 -0.36
N LEU A 85 10.23 -12.64 -0.33
CA LEU A 85 11.24 -13.45 -1.03
C LEU A 85 10.65 -13.97 -2.33
N LEU A 86 11.44 -13.99 -3.39
CA LEU A 86 10.96 -14.53 -4.66
C LEU A 86 11.06 -16.05 -4.64
N GLN A 87 10.07 -16.73 -5.21
CA GLN A 87 10.09 -18.20 -5.24
C GLN A 87 11.26 -18.71 -6.11
N GLY A 88 12.08 -19.59 -5.54
CA GLY A 88 13.18 -20.22 -6.26
C GLY A 88 14.09 -19.20 -6.92
N ASN A 89 14.28 -18.07 -6.25
CA ASN A 89 14.94 -16.94 -6.85
C ASN A 89 15.45 -16.02 -5.76
N GLU A 90 16.75 -15.74 -5.78
CA GLU A 90 17.42 -15.03 -4.69
C GLU A 90 17.31 -13.51 -4.78
N ASP A 91 16.80 -12.99 -5.89
CA ASP A 91 16.80 -11.55 -6.12
C ASP A 91 16.06 -10.78 -5.02
N TYR A 92 16.71 -9.72 -4.53
CA TYR A 92 16.09 -8.82 -3.54
C TYR A 92 15.03 -7.91 -4.16
N ILE A 93 13.97 -7.65 -3.39
CA ILE A 93 13.01 -6.61 -3.76
C ILE A 93 12.60 -5.83 -2.51
N ASN A 94 12.44 -4.53 -2.68
CA ASN A 94 11.96 -3.68 -1.60
C ASN A 94 10.46 -3.85 -1.51
N ALA A 95 10.02 -4.82 -0.74
CA ALA A 95 8.60 -5.13 -0.60
C ALA A 95 8.45 -5.87 0.73
N SER A 96 7.30 -5.69 1.38
CA SER A 96 7.07 -6.28 2.70
C SER A 96 5.71 -6.93 2.78
N TYR A 97 5.59 -8.04 3.52
CA TYR A 97 4.26 -8.56 3.85
C TYR A 97 3.69 -7.74 4.99
N VAL A 98 2.46 -7.29 4.82
CA VAL A 98 1.75 -6.57 5.85
C VAL A 98 0.38 -7.23 5.97
N ASN A 99 0.14 -7.86 7.11
CA ASN A 99 -1.10 -8.56 7.38
C ASN A 99 -1.83 -7.86 8.53
N MET A 100 -3.11 -7.57 8.35
CA MET A 100 -3.89 -6.88 9.38
C MET A 100 -4.97 -7.82 9.88
N GLU A 101 -4.83 -8.27 11.12
CA GLU A 101 -5.82 -9.22 11.71
C GLU A 101 -6.95 -8.49 12.38
N ILE A 102 -8.17 -9.02 12.23
CA ILE A 102 -9.30 -8.66 13.08
C ILE A 102 -9.80 -9.99 13.69
N PRO A 103 -9.17 -10.41 14.80
CA PRO A 103 -9.39 -11.76 15.33
C PRO A 103 -10.81 -11.96 15.82
N ALA A 104 -11.46 -10.90 16.30
CA ALA A 104 -12.86 -11.02 16.76
C ALA A 104 -13.80 -11.29 15.58
N ALA A 105 -13.24 -11.43 14.38
CA ALA A 105 -14.03 -11.76 13.20
C ALA A 105 -13.39 -12.86 12.37
N ASN A 106 -12.43 -13.57 12.96
CA ASN A 106 -11.74 -14.64 12.24
C ASN A 106 -11.27 -14.14 10.87
N LEU A 107 -10.69 -12.93 10.84
CA LEU A 107 -10.36 -12.27 9.56
C LEU A 107 -8.92 -11.77 9.52
N VAL A 108 -8.26 -12.00 8.38
CA VAL A 108 -6.95 -11.39 8.10
C VAL A 108 -6.95 -10.76 6.71
N ASN A 109 -6.68 -9.46 6.64
CA ASN A 109 -6.52 -8.76 5.38
C ASN A 109 -5.03 -8.72 5.05
N LYS A 110 -4.67 -9.42 3.99
CA LYS A 110 -3.28 -9.51 3.58
C LYS A 110 -2.93 -8.45 2.53
N TYR A 111 -1.72 -7.95 2.67
CA TYR A 111 -1.12 -7.05 1.68
C TYR A 111 0.33 -7.40 1.39
N ILE A 112 0.76 -6.98 0.21
CA ILE A 112 2.17 -6.80 -0.02
C ILE A 112 2.36 -5.33 -0.28
N ALA A 113 3.12 -4.66 0.58
CA ALA A 113 3.38 -3.22 0.43
C ALA A 113 4.79 -3.02 -0.16
N THR A 114 4.85 -2.26 -1.24
CA THR A 114 6.11 -2.07 -1.95
C THR A 114 6.26 -0.66 -2.50
N GLN A 115 7.47 -0.32 -2.92
CA GLN A 115 7.75 0.98 -3.54
C GLN A 115 7.33 0.99 -5.00
N GLY A 116 7.33 2.18 -5.61
CA GLY A 116 7.20 2.28 -7.06
C GLY A 116 8.43 1.68 -7.74
N PRO A 117 8.25 0.68 -8.63
CA PRO A 117 9.38 0.03 -9.32
C PRO A 117 10.31 0.99 -10.00
N LEU A 118 11.60 0.67 -9.95
CA LEU A 118 12.63 1.39 -10.70
C LEU A 118 12.79 0.72 -12.07
N PRO A 119 13.55 1.36 -13.01
CA PRO A 119 13.65 0.69 -14.32
C PRO A 119 14.19 -0.73 -14.21
N HIS A 120 15.10 -0.94 -13.28
CA HIS A 120 15.79 -2.21 -13.13
C HIS A 120 15.18 -3.10 -12.02
N THR A 121 14.02 -2.74 -11.48
CA THR A 121 13.35 -3.65 -10.54
C THR A 121 11.97 -4.12 -11.06
N CYS A 122 11.57 -3.76 -12.29
CA CYS A 122 10.29 -4.19 -12.84
C CYS A 122 10.22 -5.71 -12.97
N ALA A 123 11.34 -6.33 -13.34
CA ALA A 123 11.39 -7.78 -13.41
C ALA A 123 11.03 -8.42 -12.05
N GLN A 124 11.58 -7.89 -10.94
CA GLN A 124 11.31 -8.48 -9.64
C GLN A 124 9.83 -8.21 -9.25
N PHE A 125 9.35 -7.00 -9.52
CA PHE A 125 7.96 -6.65 -9.27
C PHE A 125 7.02 -7.68 -9.91
N TRP A 126 7.18 -7.92 -11.21
CA TRP A 126 6.26 -8.83 -11.89
C TRP A 126 6.47 -10.24 -11.42
N GLN A 127 7.69 -10.56 -10.97
CA GLN A 127 7.97 -11.90 -10.44
C GLN A 127 7.17 -12.14 -9.17
N VAL A 128 6.98 -11.11 -8.33
CA VAL A 128 6.13 -11.28 -7.15
C VAL A 128 4.67 -11.52 -7.54
N VAL A 129 4.18 -10.74 -8.50
CA VAL A 129 2.83 -10.89 -8.96
C VAL A 129 2.62 -12.30 -9.50
N TRP A 130 3.60 -12.83 -10.22
CA TRP A 130 3.50 -14.17 -10.81
C TRP A 130 3.60 -15.27 -9.77
N ASP A 131 4.57 -15.16 -8.85
CA ASP A 131 4.80 -16.15 -7.80
C ASP A 131 3.53 -16.43 -7.00
N GLN A 132 2.79 -15.37 -6.72
CA GLN A 132 1.66 -15.51 -5.82
C GLN A 132 0.34 -15.38 -6.57
N LYS A 133 0.43 -15.31 -7.90
CA LYS A 133 -0.69 -15.07 -8.78
C LYS A 133 -1.65 -14.00 -8.21
N LEU A 134 -1.10 -12.83 -7.90
CA LEU A 134 -1.88 -11.73 -7.37
C LEU A 134 -2.80 -11.17 -8.41
N SER A 135 -4.07 -11.01 -8.07
CA SER A 135 -5.08 -10.57 -9.03
CA SER A 135 -5.08 -10.57 -9.03
C SER A 135 -5.36 -9.08 -8.95
N LEU A 136 -4.84 -8.40 -7.94
CA LEU A 136 -5.08 -6.97 -7.74
C LEU A 136 -3.85 -6.15 -7.33
N ILE A 137 -3.56 -5.12 -8.13
CA ILE A 137 -2.51 -4.16 -7.83
C ILE A 137 -3.16 -2.79 -7.62
N VAL A 138 -2.82 -2.16 -6.52
CA VAL A 138 -3.27 -0.80 -6.21
C VAL A 138 -2.05 0.14 -6.14
N MET A 139 -1.99 1.07 -7.10
CA MET A 139 -0.94 2.07 -7.25
C MET A 139 -1.46 3.44 -6.85
N LEU A 140 -0.88 4.04 -5.82
CA LEU A 140 -1.34 5.30 -5.27
C LEU A 140 -0.41 6.44 -5.59
N THR A 141 0.00 6.54 -6.83
CA THR A 141 0.88 7.61 -7.23
C THR A 141 0.72 7.86 -8.74
N THR A 142 0.95 9.09 -9.15
CA THR A 142 1.24 9.38 -10.55
C THR A 142 2.71 8.99 -10.86
N LEU A 143 3.04 8.87 -12.14
CA LEU A 143 4.38 8.45 -12.55
C LEU A 143 5.37 9.54 -12.26
N THR A 144 4.92 10.79 -12.38
CA THR A 144 5.81 11.92 -12.18
C THR A 144 5.08 12.99 -11.37
N GLU A 145 5.86 13.77 -10.66
CA GLU A 145 5.36 14.91 -9.86
C GLU A 145 6.39 16.04 -10.01
N ARG A 146 5.92 17.23 -10.39
CA ARG A 146 6.78 18.40 -10.52
C ARG A 146 8.08 18.11 -11.32
N GLY A 147 7.91 17.45 -12.47
CA GLY A 147 9.02 17.20 -13.39
C GLY A 147 10.00 16.12 -12.94
N ARG A 148 9.66 15.45 -11.84
CA ARG A 148 10.49 14.37 -11.28
C ARG A 148 9.81 13.01 -11.30
N THR A 149 10.55 11.97 -11.66
CA THR A 149 10.01 10.63 -11.74
C THR A 149 9.74 10.03 -10.37
N LYS A 150 8.51 9.56 -10.11
CA LYS A 150 8.15 8.96 -8.82
C LYS A 150 7.94 7.45 -8.90
N CYS A 151 7.75 6.96 -10.12
CA CYS A 151 7.55 5.53 -10.35
C CYS A 151 7.80 5.26 -11.81
N HIS A 152 8.48 4.16 -12.12
CA HIS A 152 8.72 3.77 -13.50
C HIS A 152 7.43 3.20 -14.08
N GLN A 153 7.13 3.47 -15.34
CA GLN A 153 5.95 2.85 -15.94
C GLN A 153 6.25 1.38 -16.28
N TYR A 154 5.77 0.47 -15.44
CA TYR A 154 6.13 -0.92 -15.55
C TYR A 154 5.12 -1.74 -16.38
N TRP A 155 4.13 -1.06 -16.96
CA TRP A 155 3.18 -1.65 -17.90
C TRP A 155 3.22 -0.88 -19.22
N PRO A 156 2.89 -1.54 -20.36
CA PRO A 156 2.84 -0.80 -21.63
C PRO A 156 1.52 -0.10 -21.91
N ASP A 157 1.56 1.02 -22.62
CA ASP A 157 0.34 1.64 -23.09
C ASP A 157 -0.35 0.70 -24.08
N PRO A 158 -1.67 0.55 -23.98
CA PRO A 158 -2.29 -0.34 -24.98
C PRO A 158 -2.10 0.21 -26.39
N PRO A 159 -1.91 -0.66 -27.40
CA PRO A 159 -1.92 -2.13 -27.35
C PRO A 159 -0.55 -2.78 -27.20
N ASP A 160 0.49 -1.97 -26.96
CA ASP A 160 1.88 -2.44 -26.93
C ASP A 160 2.10 -3.60 -25.97
N VAL A 161 3.19 -4.32 -26.20
CA VAL A 161 3.55 -5.46 -25.38
C VAL A 161 4.95 -5.15 -24.82
N MET A 162 5.22 -5.64 -23.61
CA MET A 162 6.42 -5.28 -22.85
C MET A 162 7.05 -6.55 -22.32
N ASN A 163 8.39 -6.68 -22.42
CA ASN A 163 9.12 -7.77 -21.76
C ASN A 163 9.71 -7.35 -20.39
N HIS A 164 9.40 -8.11 -19.33
CA HIS A 164 10.00 -7.92 -18.00
C HIS A 164 10.31 -9.25 -17.33
N GLY A 165 11.60 -9.52 -17.14
CA GLY A 165 12.01 -10.68 -16.36
C GLY A 165 11.47 -11.99 -16.90
N GLY A 166 11.40 -12.09 -18.22
CA GLY A 166 10.90 -13.30 -18.84
C GLY A 166 9.37 -13.41 -18.80
N PHE A 167 8.71 -12.30 -18.50
CA PHE A 167 7.25 -12.17 -18.61
C PHE A 167 6.92 -11.21 -19.73
N HIS A 168 5.92 -11.57 -20.55
CA HIS A 168 5.35 -10.62 -21.48
C HIS A 168 4.13 -9.99 -20.78
N ILE A 169 4.01 -8.67 -20.90
CA ILE A 169 2.96 -7.90 -20.23
C ILE A 169 2.20 -7.13 -21.27
N GLN A 170 0.87 -7.23 -21.28
CA GLN A 170 0.06 -6.29 -22.05
C GLN A 170 -1.14 -5.80 -21.27
N CYS A 171 -1.55 -4.60 -21.64
CA CYS A 171 -2.74 -3.98 -21.07
C CYS A 171 -3.92 -4.19 -22.01
N GLN A 172 -4.85 -5.04 -21.58
CA GLN A 172 -6.04 -5.44 -22.36
C GLN A 172 -7.16 -4.42 -22.32
N SER A 173 -7.19 -3.58 -21.29
CA SER A 173 -8.09 -2.44 -21.30
C SER A 173 -7.66 -1.39 -20.28
N GLU A 174 -8.15 -0.19 -20.50
CA GLU A 174 -7.73 0.99 -19.80
C GLU A 174 -8.88 2.01 -19.83
N ASP A 175 -9.31 2.45 -18.65
CA ASP A 175 -10.44 3.35 -18.51
C ASP A 175 -10.19 4.33 -17.39
N CYS A 176 -10.33 5.62 -17.66
CA CYS A 176 -10.09 6.64 -16.66
C CYS A 176 -11.39 7.15 -16.08
N THR A 177 -11.45 7.18 -14.76
CA THR A 177 -12.52 7.84 -14.03
C THR A 177 -11.98 9.17 -13.51
N ILE A 178 -12.66 9.78 -12.55
CA ILE A 178 -12.28 11.07 -12.02
C ILE A 178 -10.94 10.99 -11.25
N ALA A 179 -10.85 10.02 -10.36
CA ALA A 179 -9.75 9.98 -9.39
C ALA A 179 -8.77 8.84 -9.66
N TYR A 180 -9.14 7.88 -10.47
CA TYR A 180 -8.26 6.78 -10.74
C TYR A 180 -8.46 6.14 -12.11
N VAL A 181 -7.52 5.32 -12.49
CA VAL A 181 -7.54 4.60 -13.76
C VAL A 181 -7.64 3.12 -13.48
N SER A 182 -8.54 2.43 -14.20
CA SER A 182 -8.66 0.99 -14.05
C SER A 182 -8.14 0.29 -15.30
N ARG A 183 -7.19 -0.62 -15.11
CA ARG A 183 -6.56 -1.33 -16.20
C ARG A 183 -6.63 -2.80 -15.96
N GLU A 184 -6.77 -3.58 -17.04
CA GLU A 184 -6.68 -5.03 -16.94
C GLU A 184 -5.40 -5.43 -17.65
N MET A 185 -4.57 -6.23 -16.97
CA MET A 185 -3.27 -6.67 -17.50
CA MET A 185 -3.28 -6.68 -17.50
C MET A 185 -3.25 -8.18 -17.71
N LEU A 186 -2.56 -8.59 -18.76
CA LEU A 186 -2.29 -9.98 -19.03
C LEU A 186 -0.80 -10.21 -18.86
N VAL A 187 -0.44 -11.16 -18.01
CA VAL A 187 0.95 -11.53 -17.76
C VAL A 187 1.19 -12.92 -18.32
N THR A 188 2.15 -13.06 -19.26
CA THR A 188 2.47 -14.38 -19.78
C THR A 188 3.89 -14.81 -19.47
N ASN A 189 4.04 -15.98 -18.87
CA ASN A 189 5.34 -16.59 -18.72
C ASN A 189 5.77 -17.05 -20.11
N THR A 190 6.79 -16.43 -20.64
CA THR A 190 7.21 -16.70 -21.98
C THR A 190 7.68 -18.14 -22.27
N GLN A 191 8.39 -18.76 -21.36
CA GLN A 191 8.89 -20.13 -21.58
C GLN A 191 7.78 -21.18 -21.57
N THR A 192 6.74 -20.97 -20.76
CA THR A 192 5.66 -21.96 -20.63
C THR A 192 4.39 -21.59 -21.39
N GLY A 193 4.20 -20.30 -21.63
CA GLY A 193 2.98 -19.83 -22.28
C GLY A 193 1.79 -19.69 -21.31
N GLU A 194 2.01 -20.06 -20.05
CA GLU A 194 0.99 -19.91 -19.00
C GLU A 194 0.68 -18.42 -18.84
N GLU A 195 -0.62 -18.12 -18.73
CA GLU A 195 -1.10 -16.73 -18.62
C GLU A 195 -1.71 -16.46 -17.23
N HIS A 196 -1.70 -15.19 -16.83
CA HIS A 196 -2.29 -14.75 -15.56
C HIS A 196 -2.86 -13.36 -15.76
N THR A 197 -4.03 -13.08 -15.25
CA THR A 197 -4.61 -11.78 -15.41
C THR A 197 -4.68 -10.99 -14.09
N VAL A 198 -4.49 -9.71 -14.21
CA VAL A 198 -4.34 -8.82 -13.05
C VAL A 198 -5.13 -7.56 -13.25
N THR A 199 -5.89 -7.16 -12.23
CA THR A 199 -6.53 -5.86 -12.23
C THR A 199 -5.59 -4.83 -11.58
N HIS A 200 -5.47 -3.68 -12.23
CA HIS A 200 -4.52 -2.62 -11.83
C HIS A 200 -5.28 -1.32 -11.69
N LEU A 201 -5.22 -0.73 -10.51
CA LEU A 201 -5.97 0.50 -10.19
C LEU A 201 -4.94 1.55 -9.81
N GLN A 202 -4.94 2.66 -10.53
CA GLN A 202 -3.99 3.74 -10.30
C GLN A 202 -4.76 4.96 -9.85
N TYR A 203 -4.55 5.30 -8.59
CA TYR A 203 -5.16 6.49 -7.99
C TYR A 203 -4.27 7.69 -8.24
N VAL A 204 -4.76 8.61 -9.06
CA VAL A 204 -3.92 9.72 -9.54
C VAL A 204 -4.18 11.07 -8.84
N ALA A 205 -5.14 11.12 -7.90
CA ALA A 205 -5.50 12.38 -7.25
C ALA A 205 -5.08 12.37 -5.77
N TRP A 206 -3.79 12.10 -5.51
CA TRP A 206 -3.26 11.96 -4.17
C TRP A 206 -1.74 12.20 -4.20
N PRO A 207 -1.30 13.45 -3.91
CA PRO A 207 0.14 13.77 -3.98
C PRO A 207 0.96 13.13 -2.88
N ALA A 208 2.22 12.84 -3.19
CA ALA A 208 3.16 12.35 -2.16
C ALA A 208 3.20 13.31 -1.00
N HIS A 209 3.32 12.76 0.19
CA HIS A 209 3.38 13.53 1.45
C HIS A 209 2.13 14.29 1.79
N GLY A 210 1.06 14.05 1.04
CA GLY A 210 -0.18 14.75 1.26
C GLY A 210 -1.41 13.86 1.44
N VAL A 211 -2.57 14.49 1.40
CA VAL A 211 -3.84 13.78 1.59
C VAL A 211 -4.56 13.67 0.25
N PRO A 212 -5.51 12.76 0.14
CA PRO A 212 -6.28 12.70 -1.10
C PRO A 212 -6.91 14.05 -1.42
N ASP A 213 -6.96 14.40 -2.70
CA ASP A 213 -7.52 15.66 -3.16
C ASP A 213 -9.00 15.74 -2.79
N ASP A 214 -9.69 14.59 -2.76
CA ASP A 214 -11.08 14.53 -2.34
C ASP A 214 -11.35 13.32 -1.44
N SER A 215 -11.81 13.58 -0.22
CA SER A 215 -12.03 12.51 0.76
C SER A 215 -13.11 11.51 0.31
N SER A 216 -14.10 11.99 -0.43
CA SER A 216 -15.22 11.12 -0.81
C SER A 216 -14.80 10.17 -1.95
N ASP A 217 -14.00 10.68 -2.87
CA ASP A 217 -13.39 9.81 -3.90
C ASP A 217 -12.50 8.75 -3.23
N PHE A 218 -11.78 9.17 -2.19
CA PHE A 218 -10.90 8.24 -1.48
C PHE A 218 -11.69 7.13 -0.82
N LEU A 219 -12.75 7.51 -0.10
CA LEU A 219 -13.52 6.52 0.61
C LEU A 219 -14.21 5.56 -0.37
N GLU A 220 -14.74 6.09 -1.48
CA GLU A 220 -15.35 5.20 -2.49
C GLU A 220 -14.32 4.24 -3.05
N PHE A 221 -13.11 4.77 -3.32
CA PHE A 221 -12.03 3.98 -3.85
C PHE A 221 -11.68 2.84 -2.89
N VAL A 222 -11.53 3.15 -1.61
CA VAL A 222 -11.16 2.13 -0.65
C VAL A 222 -12.23 1.01 -0.57
N ASN A 223 -13.50 1.39 -0.57
CA ASN A 223 -14.55 0.39 -0.54
C ASN A 223 -14.57 -0.46 -1.81
N TYR A 224 -14.23 0.15 -2.91
CA TYR A 224 -14.14 -0.56 -4.16
C TYR A 224 -13.01 -1.60 -4.11
N VAL A 225 -11.83 -1.21 -3.60
CA VAL A 225 -10.73 -2.15 -3.46
C VAL A 225 -11.16 -3.34 -2.59
N ARG A 226 -11.81 -3.04 -1.47
CA ARG A 226 -12.33 -4.11 -0.60
C ARG A 226 -13.18 -5.13 -1.38
N SER A 227 -14.07 -4.62 -2.22
CA SER A 227 -14.98 -5.47 -2.99
C SER A 227 -14.24 -6.34 -4.03
N LEU A 228 -13.03 -5.93 -4.43
CA LEU A 228 -12.22 -6.65 -5.43
C LEU A 228 -11.26 -7.67 -4.83
N ARG A 229 -11.12 -7.67 -3.51
CA ARG A 229 -10.32 -8.67 -2.81
C ARG A 229 -10.79 -10.09 -3.18
N VAL A 230 -9.87 -11.04 -3.23
CA VAL A 230 -10.23 -12.46 -3.16
C VAL A 230 -9.62 -13.01 -1.88
N ASP A 231 -10.41 -13.73 -1.09
CA ASP A 231 -9.97 -14.16 0.24
C ASP A 231 -8.68 -14.94 0.14
N SER A 232 -7.87 -14.87 1.19
CA SER A 232 -6.60 -15.57 1.26
C SER A 232 -5.47 -14.85 0.49
N GLU A 233 -5.84 -14.02 -0.49
CA GLU A 233 -4.88 -13.48 -1.46
C GLU A 233 -4.47 -12.04 -1.10
N PRO A 234 -3.16 -11.79 -0.96
CA PRO A 234 -2.74 -10.41 -0.73
C PRO A 234 -3.09 -9.46 -1.85
N VAL A 235 -3.44 -8.22 -1.46
CA VAL A 235 -3.51 -7.11 -2.38
C VAL A 235 -2.11 -6.48 -2.45
N LEU A 236 -1.60 -6.24 -3.66
CA LEU A 236 -0.32 -5.55 -3.81
C LEU A 236 -0.63 -4.06 -3.84
N VAL A 237 -0.12 -3.33 -2.85
CA VAL A 237 -0.28 -1.89 -2.76
CA VAL A 237 -0.29 -1.89 -2.75
C VAL A 237 1.09 -1.19 -2.80
N HIS A 238 1.21 -0.18 -3.65
CA HIS A 238 2.42 0.60 -3.73
C HIS A 238 2.11 2.08 -3.99
N SER A 239 3.06 2.92 -3.62
CA SER A 239 3.01 4.33 -4.01
C SER A 239 4.41 4.65 -4.57
N SER A 240 5.03 5.75 -4.19
CA SER A 240 6.42 5.98 -4.61
C SER A 240 7.38 5.23 -3.66
N ALA A 241 7.32 5.56 -2.39
CA ALA A 241 8.06 4.85 -1.36
C ALA A 241 7.34 3.63 -0.79
N GLY A 242 6.03 3.57 -0.93
CA GLY A 242 5.26 2.46 -0.41
C GLY A 242 5.01 2.48 1.08
N ILE A 243 5.00 3.68 1.68
CA ILE A 243 4.71 3.78 3.12
C ILE A 243 3.64 4.82 3.50
N GLY A 244 3.60 5.97 2.83
CA GLY A 244 2.75 7.07 3.29
C GLY A 244 1.33 6.88 2.83
N ARG A 245 1.13 6.97 1.52
CA ARG A 245 -0.22 6.75 0.98
C ARG A 245 -0.71 5.30 1.19
N THR A 246 0.19 4.35 1.12
CA THR A 246 -0.16 2.93 1.36
C THR A 246 -0.63 2.72 2.79
N GLY A 247 0.06 3.34 3.76
CA GLY A 247 -0.37 3.28 5.14
C GLY A 247 -1.75 3.85 5.36
N VAL A 248 -2.05 5.00 4.76
CA VAL A 248 -3.39 5.56 4.90
C VAL A 248 -4.45 4.60 4.34
N LEU A 249 -4.20 3.99 3.18
CA LEU A 249 -5.16 3.04 2.58
C LEU A 249 -5.37 1.84 3.50
N VAL A 250 -4.28 1.28 4.03
CA VAL A 250 -4.37 0.08 4.84
C VAL A 250 -5.15 0.40 6.13
N THR A 251 -4.94 1.60 6.66
CA THR A 251 -5.58 1.99 7.92
C THR A 251 -7.08 2.05 7.69
N MET A 252 -7.46 2.64 6.58
CA MET A 252 -8.84 2.91 6.27
C MET A 252 -9.57 1.61 6.01
N GLU A 253 -8.93 0.69 5.30
CA GLU A 253 -9.60 -0.58 5.02
C GLU A 253 -9.83 -1.32 6.32
N THR A 254 -8.85 -1.26 7.22
CA THR A 254 -8.92 -1.92 8.51
C THR A 254 -10.09 -1.35 9.34
N ALA A 255 -10.18 -0.02 9.35
CA ALA A 255 -11.22 0.69 10.08
C ALA A 255 -12.62 0.35 9.53
N MET A 256 -12.74 0.25 8.21
CA MET A 256 -14.01 -0.13 7.59
C MET A 256 -14.47 -1.51 8.04
N CYS A 257 -13.54 -2.46 8.08
CA CYS A 257 -13.85 -3.79 8.51
C CYS A 257 -14.31 -3.82 9.97
N LEU A 258 -13.67 -2.98 10.80
CA LEU A 258 -13.99 -2.90 12.21
C LEU A 258 -15.34 -2.22 12.47
N THR A 259 -15.63 -1.15 11.73
CA THR A 259 -16.87 -0.38 11.94
C THR A 259 -18.08 -1.23 11.56
N GLU A 260 -17.97 -1.97 10.47
CA GLU A 260 -19.07 -2.84 10.04
C GLU A 260 -19.39 -3.97 11.02
N ARG A 261 -18.43 -4.31 11.86
CA ARG A 261 -18.58 -5.40 12.79
C ARG A 261 -18.77 -4.87 14.24
N ASN A 262 -19.01 -3.58 14.39
CA ASN A 262 -19.22 -3.01 15.71
C ASN A 262 -18.05 -3.30 16.65
N LEU A 263 -16.82 -3.13 16.15
CA LEU A 263 -15.62 -3.42 16.94
C LEU A 263 -14.85 -2.13 17.14
N PRO A 264 -14.19 -1.98 18.31
CA PRO A 264 -13.51 -0.72 18.64
C PRO A 264 -12.38 -0.41 17.66
N ILE A 265 -12.22 0.88 17.36
CA ILE A 265 -11.18 1.30 16.43
C ILE A 265 -10.21 2.23 17.16
N TYR A 266 -8.96 1.78 17.28
CA TYR A 266 -7.86 2.60 17.79
C TYR A 266 -6.81 2.83 16.72
N PRO A 267 -6.88 3.96 16.00
CA PRO A 267 -5.98 4.17 14.87
C PRO A 267 -4.50 4.10 15.24
N LEU A 268 -4.14 4.47 16.47
CA LEU A 268 -2.71 4.41 16.83
C LEU A 268 -2.20 2.95 16.85
N ASP A 269 -3.03 2.04 17.36
CA ASP A 269 -2.74 0.62 17.39
C ASP A 269 -2.68 0.04 15.98
N ILE A 270 -3.56 0.52 15.10
CA ILE A 270 -3.51 0.09 13.71
C ILE A 270 -2.16 0.53 13.06
N VAL A 271 -1.79 1.80 13.21
CA VAL A 271 -0.54 2.29 12.67
C VAL A 271 0.66 1.53 13.24
N ARG A 272 0.67 1.28 14.53
CA ARG A 272 1.76 0.54 15.11
C ARG A 272 1.87 -0.86 14.54
N LYS A 273 0.76 -1.54 14.40
CA LYS A 273 0.76 -2.91 13.87
C LYS A 273 1.28 -2.95 12.42
N MET A 274 0.96 -1.91 11.64
CA MET A 274 1.55 -1.81 10.30
C MET A 274 3.04 -1.60 10.39
N ARG A 275 3.48 -0.68 11.26
CA ARG A 275 4.91 -0.32 11.36
C ARG A 275 5.77 -1.45 11.89
N ASP A 276 5.14 -2.40 12.57
CA ASP A 276 5.83 -3.62 12.98
C ASP A 276 6.15 -4.51 11.79
N GLN A 277 5.57 -4.21 10.62
CA GLN A 277 5.71 -5.06 9.46
C GLN A 277 6.39 -4.31 8.30
N ARG A 278 6.17 -3.00 8.19
CA ARG A 278 6.91 -2.15 7.27
C ARG A 278 7.10 -0.79 7.90
N ALA A 279 8.35 -0.38 8.08
CA ALA A 279 8.58 0.86 8.79
C ALA A 279 7.95 2.11 8.15
N MET A 280 7.53 3.03 9.01
CA MET A 280 7.12 4.40 8.65
C MET A 280 5.73 4.52 7.98
N MET A 281 4.95 3.44 7.94
CA MET A 281 3.65 3.52 7.31
CA MET A 281 3.60 3.47 7.36
C MET A 281 2.78 4.60 7.98
N VAL A 282 2.11 5.37 7.11
CA VAL A 282 1.45 6.67 7.41
C VAL A 282 2.55 7.68 7.74
N GLN A 283 2.92 8.54 6.77
CA GLN A 283 4.15 9.30 6.86
C GLN A 283 4.05 10.58 7.68
N THR A 284 2.95 11.32 7.51
CA THR A 284 2.82 12.67 8.08
C THR A 284 1.65 12.77 9.07
N SER A 285 1.74 13.75 9.99
CA SER A 285 0.64 13.98 10.92
CA SER A 285 0.65 13.99 10.92
C SER A 285 -0.61 14.40 10.17
N SER A 286 -0.47 15.08 9.03
CA SER A 286 -1.62 15.47 8.24
C SER A 286 -2.33 14.24 7.65
N GLN A 287 -1.55 13.25 7.24
CA GLN A 287 -2.13 12.00 6.79
C GLN A 287 -2.87 11.28 7.92
N TYR A 288 -2.26 11.26 9.09
CA TYR A 288 -2.91 10.61 10.24
C TYR A 288 -4.20 11.34 10.66
N LYS A 289 -4.14 12.65 10.68
CA LYS A 289 -5.32 13.45 11.03
C LYS A 289 -6.40 13.20 9.99
N PHE A 290 -5.97 13.16 8.72
CA PHE A 290 -6.92 12.89 7.65
C PHE A 290 -7.64 11.58 7.86
N VAL A 291 -6.90 10.52 8.18
CA VAL A 291 -7.51 9.21 8.22
C VAL A 291 -8.40 9.06 9.48
N CYS A 292 -8.03 9.73 10.56
CA CYS A 292 -8.84 9.73 11.77
C CYS A 292 -10.19 10.42 11.56
N GLU A 293 -10.16 11.59 10.93
CA GLU A 293 -11.38 12.30 10.57
C GLU A 293 -12.23 11.49 9.59
N ALA A 294 -11.59 10.77 8.68
CA ALA A 294 -12.33 9.92 7.74
C ALA A 294 -12.96 8.73 8.45
N ILE A 295 -12.27 8.20 9.45
CA ILE A 295 -12.81 7.13 10.23
C ILE A 295 -14.08 7.62 11.00
N LEU A 296 -13.98 8.78 11.64
CA LEU A 296 -15.15 9.36 12.33
C LEU A 296 -16.35 9.58 11.39
N ARG A 297 -16.05 10.13 10.22
CA ARG A 297 -17.05 10.30 9.18
C ARG A 297 -17.76 8.99 8.90
N VAL A 298 -17.02 7.93 8.58
CA VAL A 298 -17.68 6.71 8.17
C VAL A 298 -18.49 6.11 9.33
N TYR A 299 -18.02 6.30 10.56
CA TYR A 299 -18.74 5.80 11.71
C TYR A 299 -20.09 6.53 11.82
N GLU A 300 -20.07 7.82 11.59
CA GLU A 300 -21.29 8.61 11.70
C GLU A 300 -22.29 8.33 10.57
N GLU A 301 -21.80 7.81 9.50
CA GLU A 301 -22.64 7.49 8.40
C GLU A 301 -23.31 6.14 8.59
N GLY A 302 -22.69 5.16 9.26
CA GLY A 302 -23.12 3.79 9.38
C GLY A 302 -24.28 3.36 10.29
N LEU A 303 -24.83 4.26 11.06
CA LEU A 303 -25.85 3.96 12.07
C LEU A 303 -27.30 3.86 11.52
N PHE B 1 21.81 8.79 -3.02
CA PHE B 1 20.41 8.33 -2.89
C PHE B 1 19.62 9.27 -1.98
N SER B 2 18.37 9.55 -2.36
CA SER B 2 17.56 10.56 -1.64
C SER B 2 16.76 9.96 -0.50
N ALA B 3 16.35 10.81 0.45
CA ALA B 3 15.49 10.40 1.54
C ALA B 3 14.05 10.81 1.22
N PTR B 4 13.10 9.93 1.52
CA PTR B 4 11.69 10.24 1.28
C PTR B 4 11.19 11.34 2.24
O PTR B 4 10.44 12.23 1.84
CB PTR B 4 10.92 8.96 1.51
CG PTR B 4 9.45 8.99 1.12
CD1 PTR B 4 8.47 8.75 2.08
CD2 PTR B 4 9.04 9.23 -0.19
CE1 PTR B 4 7.12 8.70 1.73
CE2 PTR B 4 7.69 9.20 -0.54
CZ PTR B 4 6.74 8.94 0.43
OH PTR B 4 5.44 8.90 0.17
P PTR B 4 4.68 7.55 -0.32
O1P PTR B 4 3.22 7.85 -0.15
O2P PTR B 4 5.08 7.36 -1.76
O3P PTR B 4 5.05 6.33 0.53
HA PTR B 4 11.55 10.53 0.35
HB2 PTR B 4 10.97 8.75 2.45
HB3 PTR B 4 11.35 8.25 1.00
HD1 PTR B 4 8.72 8.56 2.96
HD2 PTR B 4 9.68 9.38 -0.84
HE1 PTR B 4 6.48 8.53 2.38
HE2 PTR B 4 7.41 9.36 -1.42
N VAL B 5 11.62 11.27 3.49
CA VAL B 5 11.16 12.23 4.51
C VAL B 5 11.66 13.65 4.28
N SER B 6 12.78 13.80 3.58
CA SER B 6 13.19 15.12 3.08
C SER B 6 12.31 15.57 1.90
#